data_4WIO
#
_entry.id   4WIO
#
_cell.length_a   76.920
_cell.length_b   76.920
_cell.length_c   204.780
_cell.angle_alpha   90.00
_cell.angle_beta   90.00
_cell.angle_gamma   90.00
#
_symmetry.space_group_name_H-M   'P 43 21 2'
#
loop_
_entity.id
_entity.type
_entity.pdbx_description
1 polymer 'GMP synthetase'
2 non-polymer GLUTAMINE
3 water water
#
_entity_poly.entity_id   1
_entity_poly.type   'polypeptide(L)'
_entity_poly.pdbx_seq_one_letter_code
;MASHHHHHHGSMAEGEEYDKILVLNFGSQYFHLIVKRLNNIKIFSETKDYGVELKDIKDMNIKGVILSGGPYSVTEAGSP
HLKKEVFEYFLEKKIPIFGIAYGMQEIAVQMNGEVKKSKTSEYGCTDVNILRNDNINNITYCRNFGDSSSAMDLYSNYKL
MNETCCLFENIKSDITTVWMNHNDEVTKIPENFYLVSSSENCLICSIYNKEYNIYGVQYHPEVYESLDGELMFYNFAYNI
CKCKKQFDPIRYHELELKNIEKYKHDHYVIAAMSGGIDSTVAAAYTHKIFKERFFGIFIDNGLLRKNEAENVYTFLKSTF
PDMNITKIDASENFLSNLQGVTDPEQKRKIIGKLFIEEFEKAVNNIDIDINKTFLLQGTLYPDIIESKCSKNLSDTIKTH
HNVGGLPKNLKFKLFEPFKYLFKDDVKTLSRELNLPEEITNRHPFPGPGLAIRVIGEINKHKLNILREVDDIFINDLKQY
GLYNQISQAFAVLLSSKSVGVRGDARSYDYVCVLRAVKTSSFMTANWYQIPYDILDKITTRILSEVKGVNRILYDVSSKP
PATIEFE
;
_entity_poly.pdbx_strand_id   A
#
# COMPACT_ATOMS: atom_id res chain seq x y z
N ASP A 19 26.30 -17.88 6.77
CA ASP A 19 25.06 -18.38 6.17
C ASP A 19 24.78 -17.71 4.82
N LYS A 20 25.46 -18.19 3.79
CA LYS A 20 25.26 -17.65 2.44
C LYS A 20 24.07 -18.31 1.75
N ILE A 21 23.20 -17.48 1.19
CA ILE A 21 22.04 -17.96 0.44
C ILE A 21 22.34 -17.98 -1.05
N LEU A 22 22.25 -19.16 -1.66
CA LEU A 22 22.59 -19.31 -3.08
C LEU A 22 21.50 -18.78 -4.00
N VAL A 23 21.91 -18.00 -5.00
CA VAL A 23 21.00 -17.44 -5.98
C VAL A 23 21.43 -17.84 -7.39
N LEU A 24 20.49 -18.36 -8.18
CA LEU A 24 20.80 -18.83 -9.52
C LEU A 24 20.12 -18.00 -10.61
N ASN A 25 20.89 -17.66 -11.65
CA ASN A 25 20.38 -16.83 -12.74
C ASN A 25 19.85 -17.65 -13.91
N PHE A 26 18.71 -17.22 -14.45
CA PHE A 26 18.11 -17.88 -15.62
C PHE A 26 17.97 -16.91 -16.78
N GLY A 27 18.36 -15.66 -16.56
CA GLY A 27 18.27 -14.65 -17.60
C GLY A 27 17.33 -13.52 -17.20
N SER A 28 16.97 -13.48 -15.93
CA SER A 28 16.07 -12.45 -15.43
C SER A 28 16.72 -11.07 -15.51
N GLN A 29 15.95 -10.10 -16.00
CA GLN A 29 16.39 -8.71 -16.05
C GLN A 29 16.27 -8.08 -14.67
N TYR A 30 15.75 -8.85 -13.70
CA TYR A 30 15.59 -8.36 -12.35
C TYR A 30 16.51 -9.08 -11.37
N PHE A 31 17.50 -9.80 -11.92
CA PHE A 31 18.38 -10.62 -11.09
C PHE A 31 19.14 -9.81 -10.04
N HIS A 32 19.60 -8.63 -10.41
CA HIS A 32 20.32 -7.76 -9.49
C HIS A 32 19.42 -7.28 -8.36
N LEU A 33 18.13 -7.14 -8.66
CA LEU A 33 17.17 -6.74 -7.65
C LEU A 33 17.00 -7.82 -6.59
N ILE A 34 17.15 -9.07 -7.00
CA ILE A 34 17.09 -10.19 -6.07
C ILE A 34 18.24 -10.10 -5.08
N VAL A 35 19.40 -9.68 -5.57
CA VAL A 35 20.57 -9.49 -4.73
C VAL A 35 20.39 -8.25 -3.85
N LYS A 36 19.95 -7.16 -4.47
CA LYS A 36 19.78 -5.88 -3.78
C LYS A 36 18.80 -6.00 -2.61
N ARG A 37 17.81 -6.87 -2.74
CA ARG A 37 16.86 -7.13 -1.67
C ARG A 37 17.56 -7.77 -0.49
N LEU A 38 18.44 -8.72 -0.79
CA LEU A 38 19.17 -9.46 0.24
C LEU A 38 20.13 -8.54 0.98
N ASN A 39 20.68 -7.56 0.26
CA ASN A 39 21.62 -6.61 0.84
C ASN A 39 20.94 -5.59 1.74
N ASN A 40 19.67 -5.28 1.44
CA ASN A 40 18.89 -4.38 2.27
C ASN A 40 18.47 -5.05 3.56
N ILE A 41 18.23 -6.34 3.49
CA ILE A 41 17.88 -7.14 4.65
C ILE A 41 19.15 -7.72 5.27
N LYS A 42 20.29 -7.31 4.70
CA LYS A 42 21.62 -7.56 5.25
C LYS A 42 22.01 -9.04 5.38
N ILE A 43 21.55 -9.85 4.43
CA ILE A 43 21.91 -11.27 4.41
C ILE A 43 23.00 -11.52 3.36
N PHE A 44 24.00 -12.32 3.74
CA PHE A 44 25.09 -12.66 2.83
C PHE A 44 24.57 -13.43 1.62
N SER A 45 25.13 -13.17 0.45
CA SER A 45 24.67 -13.79 -0.78
C SER A 45 25.83 -14.07 -1.75
N GLU A 46 25.73 -15.19 -2.45
CA GLU A 46 26.73 -15.56 -3.45
C GLU A 46 26.04 -16.02 -4.74
N THR A 47 26.57 -15.57 -5.88
CA THR A 47 25.92 -15.80 -7.17
C THR A 47 26.54 -16.92 -7.99
N LYS A 48 25.69 -17.83 -8.46
CA LYS A 48 26.08 -18.84 -9.43
C LYS A 48 25.00 -18.88 -10.50
N ASP A 49 25.30 -19.50 -11.64
CA ASP A 49 24.32 -19.57 -12.72
C ASP A 49 23.40 -20.77 -12.58
N TYR A 50 22.58 -21.01 -13.60
CA TYR A 50 21.62 -22.12 -13.59
C TYR A 50 22.29 -23.44 -13.96
N GLY A 51 23.56 -23.38 -14.33
CA GLY A 51 24.27 -24.58 -14.75
C GLY A 51 25.50 -24.88 -13.92
N VAL A 52 25.38 -24.71 -12.61
CA VAL A 52 26.50 -24.97 -11.71
C VAL A 52 26.66 -26.46 -11.46
N GLU A 53 27.90 -26.95 -11.55
CA GLU A 53 28.20 -28.33 -11.19
C GLU A 53 28.17 -28.43 -9.68
N LEU A 54 27.67 -29.55 -9.17
CA LEU A 54 27.44 -29.74 -7.73
C LEU A 54 28.67 -29.48 -6.86
N LYS A 55 29.85 -29.74 -7.41
CA LYS A 55 31.09 -29.62 -6.67
C LYS A 55 31.35 -28.19 -6.15
N ASP A 56 30.81 -27.21 -6.85
CA ASP A 56 31.05 -25.81 -6.52
C ASP A 56 30.19 -25.31 -5.37
N ILE A 57 29.07 -25.96 -5.15
CA ILE A 57 28.13 -25.53 -4.10
C ILE A 57 28.07 -26.49 -2.93
N LYS A 58 28.81 -27.59 -3.01
CA LYS A 58 28.85 -28.57 -1.94
C LYS A 58 29.88 -28.18 -0.88
N ASP A 59 30.97 -27.56 -1.33
CA ASP A 59 32.02 -27.12 -0.42
C ASP A 59 31.64 -25.84 0.29
N MET A 60 30.58 -25.19 -0.18
CA MET A 60 30.11 -23.95 0.41
C MET A 60 28.95 -24.18 1.37
N ASN A 61 28.90 -23.38 2.43
CA ASN A 61 27.79 -23.45 3.39
C ASN A 61 26.56 -22.71 2.86
N ILE A 62 25.57 -23.47 2.40
CA ILE A 62 24.39 -22.90 1.79
C ILE A 62 23.11 -23.39 2.47
N LYS A 63 22.33 -22.46 3.03
CA LYS A 63 21.11 -22.82 3.74
C LYS A 63 19.86 -22.27 3.07
N GLY A 64 19.93 -22.05 1.75
CA GLY A 64 18.79 -21.56 0.99
C GLY A 64 19.07 -21.59 -0.51
N VAL A 65 18.02 -21.63 -1.31
CA VAL A 65 18.15 -21.60 -2.77
C VAL A 65 17.11 -20.69 -3.40
N ILE A 66 17.52 -19.90 -4.39
CA ILE A 66 16.60 -19.01 -5.10
C ILE A 66 16.70 -19.15 -6.62
N LEU A 67 15.57 -19.34 -7.27
CA LEU A 67 15.52 -19.48 -8.73
C LEU A 67 14.91 -18.24 -9.40
N SER A 68 15.64 -17.64 -10.33
CA SER A 68 15.22 -16.41 -10.98
C SER A 68 14.40 -16.66 -12.25
N GLY A 69 13.89 -15.58 -12.84
CA GLY A 69 13.12 -15.68 -14.06
C GLY A 69 14.02 -15.73 -15.29
N GLY A 70 13.41 -15.77 -16.47
CA GLY A 70 14.15 -15.77 -17.72
C GLY A 70 13.27 -15.67 -18.94
N PRO A 71 13.75 -14.98 -19.99
CA PRO A 71 12.99 -14.70 -21.21
C PRO A 71 12.56 -15.95 -21.99
N TYR A 72 13.03 -17.12 -21.57
CA TYR A 72 12.73 -18.36 -22.28
C TYR A 72 11.43 -19.03 -21.80
N SER A 73 10.96 -20.01 -22.56
CA SER A 73 9.78 -20.79 -22.17
C SER A 73 10.24 -22.08 -21.49
N VAL A 74 9.56 -22.45 -20.39
CA VAL A 74 10.04 -23.52 -19.53
C VAL A 74 9.93 -24.92 -20.14
N THR A 75 9.28 -25.03 -21.30
CA THR A 75 9.08 -26.34 -21.92
C THR A 75 9.61 -26.43 -23.34
N GLU A 76 10.00 -25.28 -23.91
CA GLU A 76 10.53 -25.25 -25.28
C GLU A 76 11.90 -25.89 -25.38
N ALA A 77 12.38 -26.10 -26.60
CA ALA A 77 13.67 -26.73 -26.84
C ALA A 77 14.84 -25.79 -26.57
N GLY A 78 15.87 -26.30 -25.90
CA GLY A 78 17.06 -25.52 -25.61
C GLY A 78 16.91 -24.59 -24.44
N SER A 79 15.79 -24.70 -23.74
CA SER A 79 15.48 -23.84 -22.60
C SER A 79 16.35 -24.18 -21.39
N PRO A 80 16.74 -23.15 -20.61
CA PRO A 80 17.60 -23.32 -19.44
C PRO A 80 16.93 -24.10 -18.31
N HIS A 81 17.62 -25.12 -17.79
CA HIS A 81 17.11 -25.90 -16.67
C HIS A 81 18.24 -26.34 -15.74
N LEU A 82 17.88 -27.14 -14.73
CA LEU A 82 18.86 -27.65 -13.78
C LEU A 82 19.06 -29.14 -14.00
N LYS A 83 20.19 -29.66 -13.52
CA LYS A 83 20.47 -31.10 -13.64
C LYS A 83 19.55 -31.88 -12.71
N LYS A 84 19.42 -33.17 -12.98
CA LYS A 84 18.52 -34.02 -12.21
C LYS A 84 19.11 -34.39 -10.84
N GLU A 85 20.44 -34.51 -10.78
CA GLU A 85 21.11 -34.93 -9.56
C GLU A 85 21.40 -33.77 -8.61
N VAL A 86 21.38 -32.55 -9.13
CA VAL A 86 21.64 -31.37 -8.32
C VAL A 86 20.41 -30.99 -7.51
N PHE A 87 19.23 -31.33 -8.03
CA PHE A 87 17.98 -31.03 -7.34
C PHE A 87 17.75 -32.02 -6.20
N GLU A 88 18.26 -33.23 -6.37
CA GLU A 88 18.17 -34.26 -5.33
C GLU A 88 19.26 -34.05 -4.28
N TYR A 89 19.93 -32.90 -4.34
CA TYR A 89 20.97 -32.57 -3.38
C TYR A 89 20.43 -31.64 -2.30
N PHE A 90 19.45 -30.83 -2.66
CA PHE A 90 18.86 -29.88 -1.72
C PHE A 90 18.00 -30.57 -0.68
N LEU A 91 17.03 -31.35 -1.15
CA LEU A 91 16.00 -31.95 -0.30
C LEU A 91 16.56 -32.86 0.77
N GLU A 92 17.69 -33.49 0.49
CA GLU A 92 18.33 -34.38 1.44
C GLU A 92 19.12 -33.61 2.49
N LYS A 93 19.67 -32.46 2.11
CA LYS A 93 20.47 -31.65 3.02
C LYS A 93 19.63 -30.57 3.69
N LYS A 94 18.31 -30.67 3.54
CA LYS A 94 17.36 -29.71 4.10
C LYS A 94 17.64 -28.27 3.66
N ILE A 95 17.66 -28.06 2.35
CA ILE A 95 17.90 -26.74 1.80
C ILE A 95 16.63 -26.16 1.18
N PRO A 96 16.00 -25.21 1.88
CA PRO A 96 14.77 -24.56 1.42
C PRO A 96 14.93 -23.93 0.04
N ILE A 97 13.94 -24.12 -0.82
CA ILE A 97 14.00 -23.62 -2.20
C ILE A 97 12.96 -22.52 -2.42
N PHE A 98 13.25 -21.61 -3.34
CA PHE A 98 12.33 -20.53 -3.66
C PHE A 98 12.38 -20.18 -5.15
N GLY A 99 11.30 -20.47 -5.86
CA GLY A 99 11.24 -20.25 -7.30
C GLY A 99 10.47 -19.00 -7.69
N ILE A 100 11.07 -18.19 -8.56
CA ILE A 100 10.46 -16.94 -9.01
C ILE A 100 10.15 -16.97 -10.51
N ALA A 101 8.88 -16.77 -10.84
CA ALA A 101 8.43 -16.74 -12.23
C ALA A 101 8.85 -17.99 -13.01
N TYR A 102 9.89 -17.84 -13.83
CA TYR A 102 10.44 -18.95 -14.58
C TYR A 102 11.04 -19.97 -13.60
N GLY A 103 11.44 -19.50 -12.44
CA GLY A 103 11.98 -20.36 -11.41
C GLY A 103 10.93 -21.30 -10.86
N MET A 104 9.72 -20.76 -10.64
CA MET A 104 8.59 -21.56 -10.17
C MET A 104 8.21 -22.59 -11.23
N GLN A 105 8.24 -22.16 -12.48
CA GLN A 105 7.90 -23.04 -13.61
C GLN A 105 8.89 -24.19 -13.74
N GLU A 106 10.14 -23.95 -13.36
CA GLU A 106 11.18 -24.97 -13.41
C GLU A 106 10.95 -26.01 -12.32
N ILE A 107 10.54 -25.55 -11.14
CA ILE A 107 10.25 -26.45 -10.02
C ILE A 107 9.10 -27.38 -10.37
N ALA A 108 8.13 -26.87 -11.11
CA ALA A 108 6.98 -27.66 -11.53
C ALA A 108 7.40 -28.77 -12.51
N VAL A 109 8.04 -28.38 -13.61
CA VAL A 109 8.43 -29.31 -14.66
C VAL A 109 9.27 -30.49 -14.15
N GLN A 110 10.24 -30.21 -13.29
CA GLN A 110 11.12 -31.25 -12.75
C GLN A 110 10.44 -32.15 -11.73
N MET A 111 9.34 -31.69 -11.13
CA MET A 111 8.62 -32.48 -10.14
C MET A 111 7.24 -32.94 -10.62
N ASN A 112 7.17 -33.40 -11.86
CA ASN A 112 5.94 -33.92 -12.46
C ASN A 112 4.78 -32.92 -12.45
N GLY A 113 5.12 -31.65 -12.63
CA GLY A 113 4.10 -30.62 -12.79
C GLY A 113 4.06 -30.17 -14.24
N GLU A 114 2.90 -29.78 -14.72
CA GLU A 114 2.76 -29.38 -16.11
C GLU A 114 2.62 -27.87 -16.24
N VAL A 115 3.44 -27.28 -17.10
CA VAL A 115 3.37 -25.84 -17.35
C VAL A 115 3.18 -25.56 -18.83
N LYS A 116 2.09 -24.89 -19.17
CA LYS A 116 1.82 -24.55 -20.56
C LYS A 116 1.52 -23.07 -20.71
N LYS A 117 1.39 -22.62 -21.96
CA LYS A 117 1.10 -21.21 -22.23
C LYS A 117 -0.25 -20.82 -21.61
N SER A 118 -0.27 -19.68 -20.91
CA SER A 118 -1.47 -19.23 -20.21
C SER A 118 -2.54 -18.72 -21.17
N LYS A 119 -3.76 -18.56 -20.65
CA LYS A 119 -4.87 -18.06 -21.44
C LYS A 119 -4.68 -16.58 -21.76
N THR A 120 -4.26 -15.82 -20.75
CA THR A 120 -3.97 -14.41 -20.93
C THR A 120 -2.76 -13.99 -20.09
N SER A 121 -1.92 -13.14 -20.65
CA SER A 121 -0.67 -12.74 -20.02
C SER A 121 -0.90 -11.77 -18.86
N GLU A 122 0.18 -11.46 -18.15
CA GLU A 122 0.12 -10.54 -17.01
C GLU A 122 1.36 -9.65 -16.94
N TYR A 123 1.16 -8.34 -16.99
CA TYR A 123 2.26 -7.39 -16.92
C TYR A 123 1.91 -6.14 -16.11
N GLY A 124 2.76 -5.81 -15.14
CA GLY A 124 2.57 -4.63 -14.32
C GLY A 124 2.18 -4.94 -12.90
N CYS A 125 1.63 -3.94 -12.20
CA CYS A 125 1.18 -4.13 -10.83
C CYS A 125 -0.07 -5.00 -10.77
N THR A 126 -0.09 -5.92 -9.82
CA THR A 126 -1.17 -6.90 -9.70
C THR A 126 -1.34 -7.34 -8.24
N ASP A 127 -2.60 -7.52 -7.83
CA ASP A 127 -2.89 -8.00 -6.49
C ASP A 127 -3.14 -9.51 -6.50
N VAL A 128 -2.55 -10.22 -5.55
CA VAL A 128 -2.75 -11.66 -5.44
C VAL A 128 -3.36 -12.05 -4.10
N ASN A 129 -4.24 -13.05 -4.12
CA ASN A 129 -4.98 -13.46 -2.93
C ASN A 129 -4.29 -14.57 -2.17
N ILE A 130 -3.94 -14.30 -0.91
CA ILE A 130 -3.47 -15.36 -0.03
C ILE A 130 -4.65 -16.28 0.24
N LEU A 131 -4.42 -17.60 0.21
CA LEU A 131 -5.51 -18.54 0.38
C LEU A 131 -5.45 -19.38 1.66
N ARG A 132 -6.53 -19.31 2.42
CA ARG A 132 -6.82 -20.28 3.47
C ARG A 132 -8.04 -21.06 3.00
N ASN A 133 -8.66 -21.81 3.89
CA ASN A 133 -9.96 -22.39 3.59
C ASN A 133 -11.01 -21.33 3.89
N ASP A 134 -10.58 -20.28 4.56
CA ASP A 134 -11.42 -19.13 4.89
C ASP A 134 -11.44 -18.12 3.75
N ASN A 135 -10.26 -17.88 3.18
CA ASN A 135 -10.06 -16.87 2.15
C ASN A 135 -10.69 -17.18 0.79
N ILE A 136 -11.24 -18.39 0.66
CA ILE A 136 -11.77 -18.84 -0.63
C ILE A 136 -12.97 -17.99 -1.08
N ASN A 137 -13.68 -17.41 -0.12
CA ASN A 137 -14.87 -16.61 -0.42
C ASN A 137 -14.54 -15.28 -1.08
N ASN A 138 -13.28 -14.86 -0.98
CA ASN A 138 -12.86 -13.57 -1.50
C ASN A 138 -12.52 -13.58 -2.99
N ILE A 139 -12.83 -14.69 -3.67
CA ILE A 139 -12.51 -14.83 -5.09
C ILE A 139 -13.75 -14.64 -5.96
N THR A 140 -13.66 -13.72 -6.92
CA THR A 140 -14.79 -13.34 -7.75
C THR A 140 -14.62 -13.84 -9.20
N TYR A 141 -13.38 -14.14 -9.57
CA TYR A 141 -12.99 -14.50 -10.93
C TYR A 141 -13.05 -16.02 -11.25
N CYS A 142 -13.81 -16.77 -10.45
CA CYS A 142 -13.93 -18.23 -10.59
C CYS A 142 -14.26 -18.69 -12.01
N ARG A 143 -15.06 -17.91 -12.72
CA ARG A 143 -15.47 -18.21 -14.09
C ARG A 143 -14.47 -17.78 -15.16
N ASN A 144 -13.30 -17.32 -14.74
CA ASN A 144 -12.26 -16.90 -15.68
C ASN A 144 -11.49 -18.09 -16.25
N PHE A 145 -11.59 -19.23 -15.58
CA PHE A 145 -10.87 -20.43 -16.00
C PHE A 145 -11.57 -21.70 -15.53
N SER A 149 -18.45 -22.98 -12.20
CA SER A 149 -17.87 -21.65 -12.14
C SER A 149 -18.19 -20.96 -10.81
N SER A 150 -18.08 -21.73 -9.73
CA SER A 150 -18.31 -21.20 -8.38
C SER A 150 -17.01 -21.14 -7.59
N ALA A 151 -17.10 -20.70 -6.33
CA ALA A 151 -15.93 -20.57 -5.47
C ALA A 151 -15.32 -21.91 -5.09
N MET A 152 -16.04 -22.67 -4.27
CA MET A 152 -15.54 -23.96 -3.78
C MET A 152 -15.59 -25.03 -4.88
N ASP A 153 -16.38 -24.76 -5.91
CA ASP A 153 -16.51 -25.69 -7.03
C ASP A 153 -15.19 -25.86 -7.79
N LEU A 154 -14.30 -24.88 -7.65
CA LEU A 154 -13.02 -24.90 -8.36
C LEU A 154 -11.85 -25.29 -7.46
N TYR A 155 -11.81 -24.73 -6.25
CA TYR A 155 -10.71 -24.98 -5.33
C TYR A 155 -10.84 -26.30 -4.56
N SER A 156 -11.80 -27.13 -4.97
CA SER A 156 -11.96 -28.46 -4.40
C SER A 156 -10.98 -29.42 -5.07
N ASN A 157 -10.46 -28.98 -6.22
CA ASN A 157 -9.48 -29.76 -6.97
C ASN A 157 -8.06 -29.57 -6.42
N TYR A 158 -7.85 -28.47 -5.70
CA TYR A 158 -6.53 -28.15 -5.16
C TYR A 158 -6.52 -28.23 -3.63
N LYS A 159 -5.33 -28.17 -3.04
CA LYS A 159 -5.18 -28.21 -1.59
C LYS A 159 -5.12 -26.82 -0.98
N LEU A 160 -5.44 -26.72 0.30
CA LEU A 160 -5.30 -25.47 1.05
C LEU A 160 -4.75 -25.77 2.45
N MET A 161 -4.78 -24.77 3.31
CA MET A 161 -4.31 -24.95 4.68
C MET A 161 -4.73 -23.80 5.57
N ASN A 162 -3.93 -23.54 6.60
CA ASN A 162 -4.18 -22.43 7.49
C ASN A 162 -2.99 -21.47 7.46
N GLU A 163 -3.09 -20.48 6.58
CA GLU A 163 -2.04 -19.48 6.36
C GLU A 163 -0.78 -20.07 5.74
N CYS A 166 4.06 -20.68 5.59
CA CYS A 166 4.70 -19.94 6.67
C CYS A 166 5.48 -18.75 6.12
N LEU A 167 5.55 -18.66 4.80
CA LEU A 167 6.27 -17.59 4.13
C LEU A 167 5.66 -16.22 4.44
N PHE A 168 4.36 -16.21 4.68
CA PHE A 168 3.61 -14.98 4.83
C PHE A 168 3.38 -14.61 6.30
N GLU A 169 4.38 -14.86 7.14
CA GLU A 169 4.29 -14.52 8.55
C GLU A 169 4.32 -13.01 8.73
N ASN A 170 3.43 -12.51 9.61
CA ASN A 170 3.31 -11.08 9.91
C ASN A 170 2.94 -10.20 8.71
N ILE A 171 1.91 -10.59 7.97
CA ILE A 171 1.41 -9.78 6.86
C ILE A 171 0.07 -9.15 7.20
N LYS A 172 -0.10 -7.89 6.82
CA LYS A 172 -1.29 -7.12 7.17
C LYS A 172 -2.59 -7.71 6.61
N SER A 173 -2.66 -7.84 5.29
CA SER A 173 -3.89 -8.28 4.65
C SER A 173 -3.74 -9.63 3.95
N ASP A 174 -4.83 -10.11 3.36
CA ASP A 174 -4.81 -11.35 2.60
C ASP A 174 -4.59 -11.07 1.11
N ILE A 175 -4.33 -9.81 0.81
CA ILE A 175 -3.94 -9.41 -0.54
C ILE A 175 -2.53 -8.82 -0.48
N THR A 176 -1.86 -8.78 -1.62
CA THR A 176 -0.55 -8.14 -1.70
C THR A 176 -0.23 -7.73 -3.14
N THR A 177 0.14 -6.47 -3.32
CA THR A 177 0.46 -5.95 -4.64
C THR A 177 1.83 -6.44 -5.09
N VAL A 178 1.89 -7.01 -6.28
CA VAL A 178 3.14 -7.57 -6.80
C VAL A 178 3.38 -7.16 -8.25
N TRP A 179 4.59 -7.42 -8.74
CA TRP A 179 4.97 -7.07 -10.10
C TRP A 179 4.86 -8.28 -11.03
N MET A 180 4.06 -8.14 -12.08
CA MET A 180 3.91 -9.22 -13.04
C MET A 180 4.66 -8.98 -14.35
N ASN A 181 5.32 -10.02 -14.83
CA ASN A 181 5.96 -10.04 -16.13
C ASN A 181 6.11 -11.48 -16.60
N HIS A 182 5.15 -11.95 -17.39
CA HIS A 182 5.15 -13.34 -17.84
C HIS A 182 4.04 -13.60 -18.84
N ASN A 183 4.15 -14.72 -19.55
CA ASN A 183 3.11 -15.15 -20.48
C ASN A 183 2.70 -16.60 -20.22
N ASP A 184 3.62 -17.38 -19.66
CA ASP A 184 3.30 -18.76 -19.30
C ASP A 184 3.07 -18.89 -17.79
N GLU A 185 1.97 -19.56 -17.43
CA GLU A 185 1.70 -19.87 -16.03
C GLU A 185 1.69 -21.37 -15.85
N VAL A 186 1.62 -21.81 -14.60
CA VAL A 186 1.53 -23.23 -14.28
C VAL A 186 0.13 -23.72 -14.60
N THR A 187 0.00 -24.98 -15.00
CA THR A 187 -1.31 -25.53 -15.36
C THR A 187 -1.69 -26.73 -14.48
N LYS A 188 -0.68 -27.47 -14.04
CA LYS A 188 -0.89 -28.62 -13.17
C LYS A 188 0.05 -28.53 -12.00
N ILE A 189 -0.52 -28.47 -10.80
CA ILE A 189 0.27 -28.36 -9.58
C ILE A 189 1.19 -29.58 -9.43
N PRO A 190 2.45 -29.36 -9.05
CA PRO A 190 3.39 -30.45 -8.85
C PRO A 190 2.93 -31.42 -7.76
N GLU A 191 3.55 -32.61 -7.71
CA GLU A 191 3.18 -33.66 -6.77
C GLU A 191 3.09 -33.20 -5.31
N ASN A 192 1.89 -33.33 -4.75
CA ASN A 192 1.63 -33.00 -3.34
C ASN A 192 1.99 -31.57 -2.96
N PHE A 193 1.46 -30.60 -3.71
CA PHE A 193 1.69 -29.19 -3.41
C PHE A 193 0.44 -28.48 -2.90
N TYR A 194 0.66 -27.45 -2.11
CA TYR A 194 -0.42 -26.60 -1.62
C TYR A 194 -0.57 -25.39 -2.52
N LEU A 195 -1.80 -25.06 -2.91
CA LEU A 195 -2.06 -23.83 -3.62
C LEU A 195 -2.20 -22.71 -2.59
N VAL A 196 -1.41 -21.66 -2.76
CA VAL A 196 -1.35 -20.59 -1.77
C VAL A 196 -1.93 -19.26 -2.27
N SER A 197 -1.67 -18.94 -3.53
CA SER A 197 -2.13 -17.66 -4.07
C SER A 197 -2.71 -17.78 -5.48
N SER A 198 -3.57 -16.83 -5.82
CA SER A 198 -4.21 -16.80 -7.13
C SER A 198 -4.41 -15.37 -7.60
N SER A 199 -4.47 -15.19 -8.91
CA SER A 199 -4.73 -13.88 -9.49
C SER A 199 -5.79 -14.00 -10.58
N GLU A 200 -6.28 -12.86 -11.07
CA GLU A 200 -7.35 -12.85 -12.06
C GLU A 200 -7.00 -13.56 -13.36
N ASN A 201 -5.71 -13.60 -13.69
CA ASN A 201 -5.26 -14.22 -14.94
C ASN A 201 -4.25 -15.33 -14.70
N CYS A 202 -4.13 -15.76 -13.45
CA CYS A 202 -3.26 -16.88 -13.11
C CYS A 202 -3.79 -17.57 -11.86
N LEU A 203 -4.47 -18.71 -12.04
CA LEU A 203 -5.06 -19.45 -10.94
C LEU A 203 -4.01 -19.97 -9.98
N ILE A 204 -3.17 -20.88 -10.46
CA ILE A 204 -2.11 -21.44 -9.63
C ILE A 204 -0.89 -20.54 -9.72
N CYS A 205 -0.90 -19.50 -8.89
CA CYS A 205 0.10 -18.43 -8.95
C CYS A 205 1.25 -18.68 -7.98
N SER A 206 0.90 -19.14 -6.78
CA SER A 206 1.90 -19.45 -5.77
C SER A 206 1.67 -20.82 -5.13
N ILE A 207 2.76 -21.53 -4.84
CA ILE A 207 2.69 -22.86 -4.25
C ILE A 207 3.57 -22.99 -3.01
N TYR A 208 3.39 -24.07 -2.28
CA TYR A 208 4.22 -24.39 -1.13
C TYR A 208 4.19 -25.88 -0.80
N ASN A 209 5.36 -26.51 -0.85
CA ASN A 209 5.49 -27.91 -0.48
C ASN A 209 5.92 -28.02 0.98
N LYS A 210 5.06 -28.57 1.82
CA LYS A 210 5.37 -28.74 3.23
C LYS A 210 6.40 -29.85 3.44
N GLU A 211 6.41 -30.80 2.52
CA GLU A 211 7.32 -31.94 2.61
C GLU A 211 8.79 -31.54 2.47
N TYR A 212 9.11 -30.91 1.34
CA TYR A 212 10.49 -30.58 1.02
C TYR A 212 10.85 -29.12 1.32
N ASN A 213 9.93 -28.42 1.97
CA ASN A 213 10.11 -27.01 2.32
C ASN A 213 10.43 -26.16 1.09
N ILE A 214 9.59 -26.26 0.07
CA ILE A 214 9.79 -25.55 -1.19
C ILE A 214 8.69 -24.52 -1.40
N TYR A 215 9.07 -23.34 -1.88
CA TYR A 215 8.12 -22.26 -2.17
C TYR A 215 8.22 -21.85 -3.63
N GLY A 216 7.07 -21.54 -4.24
CA GLY A 216 7.03 -21.14 -5.64
C GLY A 216 6.17 -19.91 -5.87
N VAL A 217 6.63 -19.04 -6.76
CA VAL A 217 5.96 -17.76 -7.01
C VAL A 217 6.09 -17.32 -8.48
N GLN A 218 4.97 -16.93 -9.07
CA GLN A 218 4.93 -16.53 -10.48
C GLN A 218 5.36 -15.08 -10.68
N TYR A 219 5.11 -14.24 -9.67
CA TYR A 219 5.49 -12.84 -9.74
C TYR A 219 6.95 -12.61 -9.37
N HIS A 220 7.37 -11.35 -9.43
CA HIS A 220 8.74 -10.97 -9.08
C HIS A 220 8.75 -10.12 -7.82
N PRO A 221 9.00 -10.75 -6.66
CA PRO A 221 8.96 -10.06 -5.37
C PRO A 221 10.14 -9.11 -5.16
N GLU A 222 11.21 -9.31 -5.91
CA GLU A 222 12.41 -8.50 -5.76
C GLU A 222 12.22 -7.09 -6.33
N VAL A 223 11.26 -6.95 -7.24
CA VAL A 223 11.00 -5.67 -7.88
C VAL A 223 10.50 -4.64 -6.88
N TYR A 224 10.94 -3.40 -7.03
CA TYR A 224 10.57 -2.31 -6.14
C TYR A 224 9.05 -2.15 -6.04
N GLU A 225 8.36 -2.40 -7.15
CA GLU A 225 6.90 -2.28 -7.20
C GLU A 225 6.18 -3.29 -6.31
N SER A 226 6.86 -4.41 -6.02
CA SER A 226 6.31 -5.43 -5.13
C SER A 226 6.37 -4.97 -3.67
N LEU A 227 5.20 -4.73 -3.08
CA LEU A 227 5.10 -4.15 -1.74
C LEU A 227 5.72 -4.99 -0.61
N ASP A 228 5.39 -6.27 -0.57
CA ASP A 228 5.86 -7.13 0.52
C ASP A 228 7.03 -8.01 0.10
N GLY A 229 7.89 -7.49 -0.76
CA GLY A 229 9.03 -8.24 -1.26
C GLY A 229 10.10 -8.50 -0.21
N GLU A 230 10.42 -7.49 0.58
CA GLU A 230 11.44 -7.63 1.60
C GLU A 230 10.91 -8.42 2.80
N LEU A 231 9.60 -8.40 2.99
CA LEU A 231 8.98 -9.13 4.09
C LEU A 231 9.00 -10.64 3.85
N MET A 232 8.72 -11.05 2.62
CA MET A 232 8.75 -12.47 2.26
C MET A 232 10.17 -13.02 2.25
N PHE A 233 11.14 -12.14 2.02
CA PHE A 233 12.55 -12.51 2.04
C PHE A 233 13.06 -12.65 3.48
N TYR A 234 12.58 -11.77 4.36
CA TYR A 234 12.97 -11.83 5.77
C TYR A 234 12.45 -13.11 6.42
N ASN A 235 11.23 -13.50 6.07
CA ASN A 235 10.64 -14.72 6.59
C ASN A 235 11.28 -15.96 6.00
N PHE A 236 11.73 -15.86 4.76
CA PHE A 236 12.33 -17.01 4.08
C PHE A 236 13.69 -17.42 4.65
N ALA A 237 14.64 -16.49 4.66
CA ALA A 237 15.98 -16.77 5.13
C ALA A 237 16.09 -16.88 6.65
N TYR A 238 15.38 -16.02 7.37
CA TYR A 238 15.46 -16.02 8.81
C TYR A 238 14.54 -17.05 9.44
N ASN A 239 13.25 -16.90 9.20
CA ASN A 239 12.24 -17.70 9.88
C ASN A 239 12.05 -19.09 9.28
N ILE A 240 12.63 -19.33 8.11
CA ILE A 240 12.52 -20.63 7.44
C ILE A 240 13.87 -21.28 7.19
N CYS A 241 14.83 -20.51 6.70
CA CYS A 241 16.17 -21.02 6.42
C CYS A 241 17.08 -20.97 7.65
N LYS A 242 16.63 -20.25 8.67
CA LYS A 242 17.33 -20.16 9.96
C LYS A 242 18.77 -19.65 9.84
N CYS A 243 18.94 -18.47 9.26
CA CYS A 243 20.24 -17.80 9.25
C CYS A 243 20.40 -17.02 10.56
N LYS A 244 21.62 -16.99 11.08
CA LYS A 244 21.86 -16.46 12.43
C LYS A 244 22.01 -14.93 12.49
N LYS A 245 21.25 -14.23 11.65
CA LYS A 245 21.20 -12.77 11.66
C LYS A 245 22.55 -12.08 11.48
N GLN A 246 23.18 -11.70 12.60
CA GLN A 246 24.46 -11.00 12.63
C GLN A 246 24.38 -9.55 12.15
N PHE A 247 23.19 -9.11 11.74
CA PHE A 247 22.99 -7.74 11.31
C PHE A 247 21.56 -7.30 11.61
N ASP A 248 21.41 -6.54 12.69
CA ASP A 248 20.08 -6.19 13.21
C ASP A 248 19.51 -4.82 12.79
N PRO A 249 20.26 -3.72 13.02
CA PRO A 249 19.67 -2.40 12.76
C PRO A 249 19.29 -2.15 11.30
N ILE A 250 20.29 -1.90 10.46
CA ILE A 250 20.08 -1.66 9.04
C ILE A 250 19.19 -0.45 8.75
N ARG A 251 18.30 -0.59 7.76
CA ARG A 251 17.43 0.50 7.34
C ARG A 251 16.52 0.98 8.47
N TYR A 252 16.48 2.30 8.64
CA TYR A 252 15.68 2.90 9.70
C TYR A 252 15.12 4.24 9.24
N HIS A 253 14.09 4.71 9.94
CA HIS A 253 13.52 6.03 9.68
C HIS A 253 14.46 7.11 10.19
N GLU A 254 15.36 6.74 11.10
CA GLU A 254 16.28 7.69 11.71
C GLU A 254 17.57 7.84 10.91
N LEU A 255 17.87 6.84 10.08
CA LEU A 255 19.08 6.87 9.26
C LEU A 255 19.07 8.06 8.30
N GLU A 256 17.91 8.32 7.72
CA GLU A 256 17.73 9.47 6.84
C GLU A 256 17.73 10.76 7.66
N LEU A 257 17.16 10.69 8.86
CA LEU A 257 17.08 11.84 9.75
C LEU A 257 18.45 12.21 10.31
N LYS A 258 19.24 11.21 10.68
CA LYS A 258 20.58 11.43 11.21
C LYS A 258 21.50 12.02 10.15
N ASN A 259 21.14 11.78 8.89
CA ASN A 259 21.91 12.29 7.76
C ASN A 259 21.71 13.78 7.57
N ILE A 260 20.46 14.23 7.62
CA ILE A 260 20.11 15.63 7.39
C ILE A 260 20.55 16.53 8.56
N GLU A 261 20.95 15.91 9.66
CA GLU A 261 21.46 16.65 10.81
C GLU A 261 22.67 17.52 10.45
N LYS A 262 23.33 17.17 9.35
CA LYS A 262 24.48 17.92 8.85
C LYS A 262 24.06 19.08 7.96
N TYR A 263 22.80 19.49 8.07
CA TYR A 263 22.29 20.62 7.30
C TYR A 263 21.37 21.48 8.16
N LYS A 264 21.43 21.29 9.48
CA LYS A 264 20.49 21.93 10.39
C LYS A 264 20.75 23.42 10.61
N HIS A 265 21.81 23.94 9.99
CA HIS A 265 22.12 25.36 10.07
C HIS A 265 22.26 25.98 8.69
N ASP A 266 22.52 25.14 7.69
CA ASP A 266 22.71 25.60 6.32
C ASP A 266 21.38 25.93 5.63
N HIS A 267 20.37 25.10 5.88
CA HIS A 267 19.10 25.24 5.18
C HIS A 267 17.89 25.29 6.11
N TYR A 268 16.71 25.42 5.53
CA TYR A 268 15.46 25.45 6.28
C TYR A 268 14.60 24.24 5.89
N VAL A 269 13.49 24.04 6.59
CA VAL A 269 12.55 22.98 6.27
C VAL A 269 11.10 23.43 6.37
N ILE A 270 10.37 23.34 5.27
CA ILE A 270 8.95 23.66 5.27
C ILE A 270 8.13 22.40 5.03
N ALA A 271 6.90 22.40 5.52
CA ALA A 271 6.04 21.24 5.36
C ALA A 271 4.58 21.62 5.26
N ALA A 272 3.87 20.99 4.34
CA ALA A 272 2.42 21.14 4.27
C ALA A 272 1.74 20.35 5.40
N MET A 273 1.57 20.99 6.56
CA MET A 273 0.82 20.41 7.67
C MET A 273 -0.59 20.21 7.19
N SER A 274 -1.06 18.98 7.14
CA SER A 274 -2.38 18.70 6.63
C SER A 274 -3.26 18.31 7.80
N GLY A 275 -2.71 17.45 8.65
CA GLY A 275 -3.41 16.99 9.82
C GLY A 275 -3.35 15.49 9.89
N GLY A 276 -2.99 14.87 8.76
CA GLY A 276 -2.86 13.43 8.70
C GLY A 276 -1.75 12.93 9.58
N ILE A 277 -1.77 11.65 9.91
CA ILE A 277 -0.75 11.06 10.78
C ILE A 277 0.63 11.12 10.12
N ASP A 278 0.65 11.04 8.80
CA ASP A 278 1.90 11.03 8.06
C ASP A 278 2.63 12.36 8.13
N SER A 279 1.87 13.45 8.21
CA SER A 279 2.46 14.79 8.23
C SER A 279 2.73 15.25 9.66
N THR A 280 1.91 14.78 10.60
CA THR A 280 2.00 15.24 11.98
C THR A 280 3.08 14.52 12.79
N VAL A 281 3.50 13.33 12.33
CA VAL A 281 4.56 12.62 13.02
C VAL A 281 5.86 12.70 12.24
N ALA A 282 5.81 13.31 11.06
CA ALA A 282 7.02 13.60 10.29
C ALA A 282 7.53 14.98 10.71
N ALA A 283 6.60 15.87 11.02
CA ALA A 283 6.94 17.21 11.47
C ALA A 283 7.41 17.18 12.92
N ALA A 284 7.00 16.14 13.65
CA ALA A 284 7.36 16.00 15.06
C ALA A 284 8.86 15.83 15.24
N TYR A 285 9.48 15.07 14.34
CA TYR A 285 10.93 14.84 14.40
C TYR A 285 11.69 15.98 13.75
N THR A 286 11.17 16.47 12.63
CA THR A 286 11.84 17.53 11.88
C THR A 286 11.81 18.87 12.63
N HIS A 287 10.91 18.98 13.59
CA HIS A 287 10.88 20.16 14.45
C HIS A 287 11.94 20.03 15.54
N LYS A 288 12.24 18.80 15.93
CA LYS A 288 13.25 18.54 16.94
C LYS A 288 14.64 18.88 16.42
N ILE A 289 14.83 18.74 15.11
CA ILE A 289 16.11 19.07 14.47
C ILE A 289 16.19 20.55 14.17
N PHE A 290 15.26 21.04 13.36
CA PHE A 290 15.20 22.45 12.98
C PHE A 290 14.24 23.19 13.90
N LYS A 291 14.62 23.36 15.16
CA LYS A 291 13.73 23.93 16.18
C LYS A 291 13.15 25.29 15.80
N GLU A 292 13.91 26.08 15.04
CA GLU A 292 13.46 27.41 14.64
C GLU A 292 13.39 27.51 13.13
N ARG A 293 14.13 26.65 12.44
CA ARG A 293 14.23 26.69 10.99
C ARG A 293 13.09 25.93 10.31
N PHE A 294 12.15 25.45 11.10
CA PHE A 294 11.01 24.68 10.58
C PHE A 294 9.73 25.50 10.53
N PHE A 295 9.03 25.41 9.40
CA PHE A 295 7.77 26.14 9.22
C PHE A 295 6.60 25.20 8.98
N GLY A 296 5.55 25.37 9.78
CA GLY A 296 4.34 24.58 9.63
C GLY A 296 3.26 25.32 8.86
N ILE A 297 2.83 24.73 7.76
CA ILE A 297 1.83 25.36 6.88
C ILE A 297 0.56 24.53 6.77
N PHE A 298 -0.51 24.99 7.41
CA PHE A 298 -1.80 24.33 7.36
C PHE A 298 -2.80 25.17 6.56
N ILE A 299 -3.38 24.57 5.53
CA ILE A 299 -4.32 25.29 4.67
C ILE A 299 -5.74 24.75 4.81
N ASP A 300 -6.65 25.61 5.23
CA ASP A 300 -8.06 25.25 5.33
C ASP A 300 -8.78 25.55 4.02
N ASN A 301 -8.79 24.56 3.12
CA ASN A 301 -9.38 24.73 1.80
C ASN A 301 -10.91 24.83 1.80
N GLY A 302 -11.51 24.57 2.96
CA GLY A 302 -12.95 24.61 3.08
C GLY A 302 -13.59 23.32 2.59
N LEU A 303 -12.75 22.39 2.16
CA LEU A 303 -13.22 21.09 1.70
C LEU A 303 -13.00 20.04 2.79
N LEU A 304 -12.74 20.52 4.01
CA LEU A 304 -12.47 19.63 5.14
C LEU A 304 -13.76 19.20 5.84
N ARG A 305 -13.62 18.27 6.78
CA ARG A 305 -14.76 17.77 7.53
C ARG A 305 -15.20 18.77 8.59
N LYS A 306 -16.26 18.42 9.32
CA LYS A 306 -16.82 19.26 10.37
C LYS A 306 -15.78 19.72 11.40
N ASN A 307 -15.67 21.03 11.56
CA ASN A 307 -14.82 21.65 12.58
C ASN A 307 -13.33 21.36 12.46
N GLU A 308 -12.91 20.79 11.33
CA GLU A 308 -11.48 20.55 11.09
C GLU A 308 -10.75 21.85 10.75
N ALA A 309 -11.52 22.90 10.47
CA ALA A 309 -10.96 24.21 10.17
C ALA A 309 -10.26 24.78 11.40
N GLU A 310 -10.73 24.36 12.58
CA GLU A 310 -10.17 24.87 13.83
C GLU A 310 -9.57 23.76 14.70
N ASN A 311 -10.23 22.60 14.73
CA ASN A 311 -9.76 21.50 15.57
C ASN A 311 -8.40 20.96 15.14
N VAL A 312 -8.13 20.96 13.84
CA VAL A 312 -6.84 20.50 13.35
C VAL A 312 -5.74 21.49 13.72
N TYR A 313 -6.04 22.78 13.58
CA TYR A 313 -5.08 23.82 13.94
C TYR A 313 -4.86 23.88 15.45
N THR A 314 -5.95 23.92 16.22
CA THR A 314 -5.88 24.01 17.67
C THR A 314 -5.09 22.86 18.28
N PHE A 315 -5.31 21.66 17.74
CA PHE A 315 -4.59 20.47 18.20
C PHE A 315 -3.09 20.59 17.94
N LEU A 316 -2.74 20.99 16.73
CA LEU A 316 -1.32 21.10 16.34
C LEU A 316 -0.54 22.12 17.16
N LYS A 317 -1.14 23.28 17.39
CA LYS A 317 -0.50 24.30 18.21
C LYS A 317 -0.34 23.84 19.67
N SER A 318 -1.30 23.06 20.14
CA SER A 318 -1.28 22.58 21.52
C SER A 318 -0.26 21.47 21.73
N THR A 319 -0.18 20.54 20.77
CA THR A 319 0.74 19.42 20.89
C THR A 319 2.17 19.84 20.51
N PHE A 320 2.28 20.89 19.70
CA PHE A 320 3.58 21.42 19.31
C PHE A 320 3.64 22.93 19.57
N PRO A 321 3.85 23.32 20.83
CA PRO A 321 3.87 24.74 21.20
C PRO A 321 5.03 25.52 20.55
N ASP A 322 6.22 24.92 20.53
CA ASP A 322 7.39 25.59 19.99
C ASP A 322 7.36 25.69 18.47
N MET A 323 6.57 24.83 17.84
CA MET A 323 6.50 24.78 16.39
C MET A 323 5.81 26.00 15.80
N ASN A 324 6.47 26.62 14.82
CA ASN A 324 5.91 27.75 14.09
C ASN A 324 4.83 27.28 13.11
N ILE A 325 3.59 27.69 13.35
CA ILE A 325 2.47 27.25 12.52
C ILE A 325 1.78 28.42 11.84
N THR A 326 1.64 28.34 10.52
CA THR A 326 0.95 29.35 9.73
C THR A 326 -0.36 28.80 9.18
N LYS A 327 -1.48 29.31 9.68
CA LYS A 327 -2.80 28.86 9.25
C LYS A 327 -3.32 29.69 8.08
N ILE A 328 -3.83 29.02 7.06
CA ILE A 328 -4.35 29.69 5.87
C ILE A 328 -5.84 29.39 5.69
N ASP A 329 -6.62 30.42 5.34
CA ASP A 329 -8.03 30.25 5.07
C ASP A 329 -8.35 30.64 3.63
N ALA A 330 -8.01 29.76 2.69
CA ALA A 330 -8.26 30.02 1.28
C ALA A 330 -9.57 29.40 0.83
N SER A 331 -10.46 29.14 1.78
CA SER A 331 -11.75 28.50 1.49
C SER A 331 -12.57 29.32 0.49
N GLU A 332 -12.55 30.64 0.65
CA GLU A 332 -13.26 31.52 -0.26
C GLU A 332 -12.63 31.52 -1.65
N ASN A 333 -11.33 31.25 -1.70
CA ASN A 333 -10.61 31.17 -2.95
C ASN A 333 -10.84 29.81 -3.62
N PHE A 334 -11.28 28.84 -2.83
CA PHE A 334 -11.55 27.51 -3.34
C PHE A 334 -12.98 27.38 -3.87
N LEU A 335 -13.93 27.98 -3.16
CA LEU A 335 -15.33 27.93 -3.56
C LEU A 335 -15.56 28.66 -4.88
N SER A 336 -15.14 29.91 -4.95
CA SER A 336 -15.37 30.75 -6.13
C SER A 336 -14.71 30.16 -7.38
N ASN A 337 -13.61 29.44 -7.18
CA ASN A 337 -12.89 28.83 -8.29
C ASN A 337 -13.49 27.50 -8.73
N LEU A 338 -14.32 26.92 -7.87
CA LEU A 338 -14.95 25.64 -8.17
C LEU A 338 -16.40 25.79 -8.64
N GLN A 339 -16.88 27.03 -8.68
CA GLN A 339 -18.26 27.31 -9.10
C GLN A 339 -18.50 26.88 -10.54
N GLY A 340 -19.56 26.10 -10.75
CA GLY A 340 -19.93 25.66 -12.08
C GLY A 340 -19.29 24.35 -12.48
N VAL A 341 -18.11 24.07 -11.93
CA VAL A 341 -17.36 22.87 -12.28
C VAL A 341 -18.00 21.62 -11.71
N THR A 342 -18.37 20.69 -12.59
CA THR A 342 -19.05 19.46 -12.19
C THR A 342 -18.24 18.23 -12.56
N ASP A 343 -17.34 18.39 -13.53
CA ASP A 343 -16.49 17.28 -13.95
C ASP A 343 -15.36 17.02 -12.95
N PRO A 344 -15.30 15.79 -12.42
CA PRO A 344 -14.36 15.37 -11.37
C PRO A 344 -12.90 15.65 -11.73
N GLU A 345 -12.53 15.40 -12.99
CA GLU A 345 -11.16 15.63 -13.43
C GLU A 345 -10.75 17.10 -13.30
N GLN A 346 -11.61 18.00 -13.77
CA GLN A 346 -11.34 19.43 -13.66
C GLN A 346 -11.49 19.91 -12.23
N LYS A 347 -12.33 19.23 -11.45
CA LYS A 347 -12.45 19.52 -10.03
C LYS A 347 -11.17 19.15 -9.30
N ARG A 348 -10.55 18.05 -9.73
CA ARG A 348 -9.26 17.65 -9.18
C ARG A 348 -8.14 18.54 -9.71
N LYS A 349 -8.26 18.94 -10.98
CA LYS A 349 -7.26 19.77 -11.62
C LYS A 349 -7.20 21.15 -10.99
N ILE A 350 -8.35 21.69 -10.62
CA ILE A 350 -8.43 22.99 -9.97
C ILE A 350 -7.82 22.96 -8.58
N ILE A 351 -8.27 22.01 -7.77
CA ILE A 351 -7.79 21.86 -6.39
C ILE A 351 -6.27 21.68 -6.34
N GLY A 352 -5.76 20.84 -7.24
CA GLY A 352 -4.33 20.60 -7.31
C GLY A 352 -3.52 21.83 -7.70
N LYS A 353 -3.98 22.51 -8.75
CA LYS A 353 -3.28 23.68 -9.26
C LYS A 353 -3.49 24.91 -8.38
N LEU A 354 -4.41 24.80 -7.43
CA LEU A 354 -4.67 25.90 -6.49
C LEU A 354 -3.96 25.66 -5.17
N PHE A 355 -3.73 24.39 -4.82
CA PHE A 355 -3.03 24.04 -3.60
C PHE A 355 -1.57 24.45 -3.71
N ILE A 356 -1.01 24.32 -4.91
CA ILE A 356 0.37 24.70 -5.15
C ILE A 356 0.55 26.22 -5.04
N GLU A 357 -0.53 26.95 -5.31
CA GLU A 357 -0.48 28.41 -5.26
C GLU A 357 -0.50 28.93 -3.82
N GLU A 358 -1.50 28.51 -3.06
CA GLU A 358 -1.65 28.96 -1.68
C GLU A 358 -0.49 28.50 -0.80
N PHE A 359 0.15 27.41 -1.20
CA PHE A 359 1.32 26.92 -0.48
C PHE A 359 2.53 27.81 -0.76
N GLU A 360 2.78 28.07 -2.04
CA GLU A 360 3.87 28.96 -2.44
C GLU A 360 3.67 30.35 -1.86
N LYS A 361 2.44 30.85 -1.94
CA LYS A 361 2.09 32.17 -1.41
C LYS A 361 2.39 32.24 0.09
N ALA A 362 2.16 31.13 0.78
CA ALA A 362 2.43 31.06 2.21
C ALA A 362 3.93 31.02 2.48
N VAL A 363 4.67 30.33 1.63
CA VAL A 363 6.12 30.26 1.72
C VAL A 363 6.72 31.63 1.39
N ASN A 364 6.06 32.35 0.48
CA ASN A 364 6.48 33.69 0.11
C ASN A 364 5.96 34.76 1.09
N ASN A 365 5.50 34.30 2.24
CA ASN A 365 5.15 35.20 3.35
C ASN A 365 6.19 35.10 4.45
N ILE A 366 6.97 34.02 4.41
CA ILE A 366 8.07 33.82 5.33
C ILE A 366 9.39 33.92 4.57
N ASP A 367 10.03 35.08 4.65
CA ASP A 367 11.22 35.36 3.85
C ASP A 367 12.42 34.51 4.26
N ILE A 368 12.71 33.47 3.47
CA ILE A 368 13.87 32.62 3.69
C ILE A 368 14.52 32.24 2.36
N ASP A 369 15.73 31.69 2.44
CA ASP A 369 16.48 31.31 1.24
C ASP A 369 15.79 30.17 0.51
N ILE A 370 15.30 30.45 -0.70
CA ILE A 370 14.58 29.46 -1.48
C ILE A 370 15.48 28.34 -2.00
N ASN A 371 16.75 28.68 -2.22
CA ASN A 371 17.72 27.71 -2.71
C ASN A 371 18.37 26.96 -1.56
N LYS A 372 17.96 27.28 -0.34
CA LYS A 372 18.48 26.61 0.84
C LYS A 372 17.36 26.19 1.77
N THR A 373 16.48 25.32 1.26
CA THR A 373 15.35 24.85 2.05
C THR A 373 14.87 23.46 1.59
N PHE A 374 14.35 22.68 2.53
CA PHE A 374 13.86 21.35 2.24
C PHE A 374 12.33 21.29 2.23
N LEU A 375 11.78 20.41 1.41
CA LEU A 375 10.35 20.20 1.34
C LEU A 375 9.98 18.90 2.04
N LEU A 376 9.53 19.01 3.29
CA LEU A 376 9.16 17.84 4.07
C LEU A 376 7.85 17.24 3.60
N GLN A 377 7.90 15.97 3.20
CA GLN A 377 6.74 15.23 2.75
C GLN A 377 6.71 13.84 3.38
N GLY A 378 5.90 13.67 4.41
CA GLY A 378 5.57 12.34 4.91
C GLY A 378 5.09 11.46 3.78
N THR A 379 6.04 10.84 3.09
CA THR A 379 5.75 9.94 1.98
C THR A 379 6.11 8.51 2.41
N LEU A 380 5.25 7.55 2.10
CA LEU A 380 5.51 6.17 2.51
C LEU A 380 5.83 5.30 1.30
N TYR A 381 6.37 4.12 1.57
CA TYR A 381 6.67 3.15 0.52
C TYR A 381 5.46 2.77 -0.35
N PRO A 382 4.27 2.55 0.28
CA PRO A 382 3.11 2.29 -0.56
C PRO A 382 2.67 3.50 -1.38
N ASP A 383 2.87 4.69 -0.85
CA ASP A 383 2.49 5.91 -1.56
C ASP A 383 3.29 6.10 -2.85
N ILE A 384 4.56 5.71 -2.81
CA ILE A 384 5.43 5.84 -3.98
C ILE A 384 4.97 4.90 -5.10
N ILE A 385 4.69 3.65 -4.76
CA ILE A 385 4.26 2.66 -5.73
C ILE A 385 2.88 2.97 -6.29
N GLU A 386 1.99 3.47 -5.44
CA GLU A 386 0.67 3.88 -5.88
C GLU A 386 0.76 4.93 -6.98
N SER A 387 1.77 5.79 -6.86
CA SER A 387 2.04 6.80 -7.87
C SER A 387 2.90 6.23 -9.00
N LYS A 388 3.82 5.34 -8.63
CA LYS A 388 4.69 4.68 -9.60
C LYS A 388 3.88 3.82 -10.55
N CYS A 389 3.19 2.82 -9.99
CA CYS A 389 2.31 1.97 -10.79
C CYS A 389 1.00 2.69 -11.10
N SER A 390 0.97 3.47 -12.18
CA SER A 390 -0.16 4.34 -12.51
C SER A 390 -1.39 3.55 -12.92
N LYS A 391 -2.26 3.25 -11.95
CA LYS A 391 -3.44 2.41 -12.20
C LYS A 391 -4.71 3.26 -12.24
N ASN A 392 -5.03 3.90 -11.12
CA ASN A 392 -6.16 4.81 -11.03
C ASN A 392 -5.98 5.70 -9.79
N LEU A 393 -6.27 6.98 -9.94
CA LEU A 393 -5.93 7.95 -8.89
C LEU A 393 -7.15 8.71 -8.36
N SER A 394 -8.30 8.04 -8.36
CA SER A 394 -9.51 8.66 -7.85
C SER A 394 -9.61 8.47 -6.34
N ASP A 395 -9.12 7.34 -5.86
CA ASP A 395 -9.19 7.00 -4.45
C ASP A 395 -7.91 7.37 -3.70
N THR A 396 -6.94 7.90 -4.43
CA THR A 396 -5.63 8.19 -3.85
C THR A 396 -5.73 9.22 -2.73
N ILE A 397 -4.84 9.10 -1.75
CA ILE A 397 -4.87 9.97 -0.59
C ILE A 397 -3.86 11.11 -0.72
N LYS A 398 -2.61 10.76 -0.99
CA LYS A 398 -1.55 11.76 -1.17
C LYS A 398 -1.63 12.38 -2.56
N THR A 399 -2.47 13.39 -2.71
CA THR A 399 -2.70 14.04 -4.00
C THR A 399 -1.58 14.99 -4.38
N HIS A 400 -1.20 15.86 -3.46
CA HIS A 400 -0.24 16.93 -3.74
C HIS A 400 1.20 16.44 -3.95
N HIS A 401 1.42 15.14 -3.83
CA HIS A 401 2.74 14.57 -4.06
C HIS A 401 3.06 14.50 -5.54
N ASN A 409 6.17 26.97 -8.87
CA ASN A 409 7.33 27.51 -9.56
C ASN A 409 8.58 27.57 -8.68
N LEU A 410 8.65 26.67 -7.70
CA LEU A 410 9.79 26.60 -6.80
C LEU A 410 10.36 25.19 -6.71
N LYS A 411 11.61 25.03 -7.15
CA LYS A 411 12.26 23.73 -7.14
C LYS A 411 12.94 23.46 -5.79
N PHE A 412 12.32 22.59 -4.99
CA PHE A 412 12.86 22.27 -3.67
C PHE A 412 13.66 20.98 -3.67
N LYS A 413 14.45 20.79 -2.61
CA LYS A 413 15.11 19.53 -2.38
C LYS A 413 14.21 18.68 -1.49
N LEU A 414 13.44 17.80 -2.13
CA LEU A 414 12.43 17.00 -1.43
C LEU A 414 13.02 16.17 -0.29
N PHE A 415 12.31 16.17 0.84
CA PHE A 415 12.75 15.41 2.02
C PHE A 415 11.70 14.37 2.41
N GLU A 416 11.91 13.14 1.94
CA GLU A 416 10.98 12.04 2.21
C GLU A 416 11.69 10.92 2.96
N PRO A 417 11.79 11.05 4.30
CA PRO A 417 12.51 10.08 5.14
C PRO A 417 11.77 8.75 5.28
N PHE A 418 10.47 8.73 5.02
CA PHE A 418 9.70 7.51 5.16
C PHE A 418 9.49 6.80 3.83
N LYS A 419 10.32 7.15 2.84
CA LYS A 419 10.18 6.63 1.48
C LYS A 419 10.24 5.10 1.41
N TYR A 420 10.80 4.48 2.44
CA TYR A 420 10.88 3.02 2.50
C TYR A 420 10.18 2.48 3.74
N LEU A 421 9.15 3.19 4.18
CA LEU A 421 8.44 2.79 5.39
C LEU A 421 6.96 2.50 5.13
N PHE A 422 6.35 1.74 6.05
CA PHE A 422 4.95 1.33 5.90
C PHE A 422 4.03 2.13 6.82
N LYS A 423 2.73 1.98 6.60
CA LYS A 423 1.73 2.67 7.41
C LYS A 423 1.72 2.14 8.84
N ASP A 424 1.84 0.82 8.96
CA ASP A 424 1.83 0.17 10.27
C ASP A 424 3.06 0.58 11.08
N ASP A 425 4.15 0.90 10.39
CA ASP A 425 5.37 1.37 11.03
C ASP A 425 5.15 2.73 11.70
N VAL A 426 4.62 3.66 10.91
CA VAL A 426 4.33 5.02 11.38
C VAL A 426 3.44 5.00 12.63
N LYS A 427 2.51 4.06 12.67
CA LYS A 427 1.62 3.90 13.83
C LYS A 427 2.41 3.59 15.09
N THR A 428 3.52 2.87 14.94
CA THR A 428 4.35 2.50 16.09
C THR A 428 5.15 3.69 16.62
N LEU A 429 5.61 4.55 15.71
CA LEU A 429 6.37 5.73 16.10
C LEU A 429 5.49 6.77 16.78
N SER A 430 4.26 6.90 16.30
CA SER A 430 3.31 7.87 16.84
C SER A 430 2.86 7.48 18.24
N ARG A 431 3.08 6.22 18.61
CA ARG A 431 2.76 5.75 19.96
C ARG A 431 3.94 5.98 20.90
N GLU A 432 5.14 5.95 20.32
CA GLU A 432 6.36 6.18 21.10
C GLU A 432 6.46 7.65 21.53
N LEU A 433 5.83 8.52 20.75
CA LEU A 433 5.86 9.95 21.03
C LEU A 433 4.75 10.38 21.99
N ASN A 434 4.12 9.40 22.61
CA ASN A 434 3.02 9.65 23.56
C ASN A 434 1.85 10.42 22.96
N LEU A 435 1.74 10.37 21.64
CA LEU A 435 0.62 10.99 20.94
C LEU A 435 -0.62 10.12 21.12
N PRO A 436 -1.81 10.74 21.16
CA PRO A 436 -3.06 10.01 21.39
C PRO A 436 -3.39 9.03 20.27
N GLU A 437 -4.31 8.12 20.54
CA GLU A 437 -4.75 7.13 19.55
C GLU A 437 -5.65 7.76 18.51
N GLU A 438 -6.16 8.95 18.81
CA GLU A 438 -7.06 9.65 17.90
C GLU A 438 -6.38 9.94 16.57
N ILE A 439 -5.07 10.14 16.60
CA ILE A 439 -4.33 10.51 15.41
C ILE A 439 -3.86 9.29 14.63
N THR A 440 -3.83 8.14 15.28
CA THR A 440 -3.35 6.91 14.64
C THR A 440 -4.51 6.06 14.14
N ASN A 441 -5.72 6.40 14.58
CA ASN A 441 -6.92 5.71 14.12
C ASN A 441 -7.61 6.50 13.02
N ARG A 442 -7.27 7.78 12.91
CA ARG A 442 -7.84 8.68 11.91
C ARG A 442 -7.76 8.10 10.50
N HIS A 443 -8.92 7.84 9.92
CA HIS A 443 -9.01 7.31 8.56
C HIS A 443 -8.35 8.27 7.57
N PRO A 444 -7.62 7.72 6.59
CA PRO A 444 -6.93 8.54 5.58
C PRO A 444 -7.89 9.41 4.79
N PHE A 445 -7.79 10.73 4.99
CA PHE A 445 -8.61 11.69 4.27
C PHE A 445 -7.84 12.21 3.06
N PRO A 446 -8.39 12.00 1.85
CA PRO A 446 -7.69 12.27 0.59
C PRO A 446 -7.48 13.76 0.30
N GLY A 447 -6.87 14.04 -0.85
CA GLY A 447 -6.54 15.40 -1.25
C GLY A 447 -7.72 16.31 -1.55
N PRO A 448 -8.47 16.00 -2.62
CA PRO A 448 -9.59 16.85 -3.06
C PRO A 448 -10.70 17.04 -2.02
N GLY A 449 -10.68 16.25 -0.94
CA GLY A 449 -11.61 16.44 0.15
C GLY A 449 -13.07 16.16 -0.17
N LEU A 450 -13.95 17.04 0.29
CA LEU A 450 -15.39 16.86 0.09
C LEU A 450 -15.84 17.31 -1.30
N ALA A 451 -14.89 17.73 -2.14
CA ALA A 451 -15.22 18.17 -3.49
C ALA A 451 -15.73 17.00 -4.34
N ILE A 452 -15.04 15.86 -4.25
CA ILE A 452 -15.46 14.66 -4.97
C ILE A 452 -16.49 13.87 -4.17
N ARG A 453 -17.06 14.51 -3.15
CA ARG A 453 -18.10 13.91 -2.34
C ARG A 453 -19.40 14.71 -2.42
N VAL A 454 -19.32 15.84 -3.14
CA VAL A 454 -20.51 16.60 -3.51
C VAL A 454 -20.68 16.50 -5.01
N ILE A 455 -21.59 15.63 -5.45
CA ILE A 455 -21.75 15.34 -6.86
C ILE A 455 -22.42 16.47 -7.63
N GLY A 456 -21.79 16.89 -8.72
CA GLY A 456 -22.30 17.95 -9.57
C GLY A 456 -21.81 19.32 -9.16
N GLU A 457 -22.73 20.28 -9.09
CA GLU A 457 -22.41 21.64 -8.68
C GLU A 457 -21.97 21.67 -7.22
N ILE A 458 -20.88 22.37 -6.95
CA ILE A 458 -20.40 22.51 -5.57
C ILE A 458 -20.84 23.85 -4.99
N ASN A 459 -21.24 23.83 -3.72
CA ASN A 459 -21.79 25.01 -3.08
C ASN A 459 -21.43 25.02 -1.59
N LYS A 460 -21.45 26.20 -1.00
CA LYS A 460 -21.23 26.32 0.44
C LYS A 460 -22.40 25.73 1.20
N HIS A 461 -23.58 25.76 0.58
CA HIS A 461 -24.80 25.21 1.19
C HIS A 461 -24.76 23.68 1.22
N LYS A 462 -24.40 23.08 0.10
CA LYS A 462 -24.33 21.63 -0.02
C LYS A 462 -23.29 21.05 0.94
N LEU A 463 -22.18 21.76 1.11
CA LEU A 463 -21.13 21.35 2.04
C LEU A 463 -21.66 21.31 3.46
N ASN A 464 -22.45 22.31 3.83
CA ASN A 464 -23.06 22.36 5.15
C ASN A 464 -23.94 21.15 5.41
N ILE A 465 -24.73 20.78 4.42
CA ILE A 465 -25.62 19.64 4.55
C ILE A 465 -24.83 18.33 4.61
N LEU A 466 -23.80 18.22 3.77
CA LEU A 466 -22.95 17.03 3.74
C LEU A 466 -22.17 16.88 5.04
N ARG A 467 -21.69 17.99 5.57
CA ARG A 467 -20.92 17.96 6.80
C ARG A 467 -21.76 17.48 7.98
N GLU A 468 -23.01 17.93 8.04
CA GLU A 468 -23.91 17.51 9.11
C GLU A 468 -24.15 16.01 9.04
N VAL A 469 -24.29 15.49 7.82
CA VAL A 469 -24.53 14.07 7.62
C VAL A 469 -23.27 13.25 7.89
N ASP A 470 -22.14 13.72 7.37
CA ASP A 470 -20.87 13.02 7.51
C ASP A 470 -20.45 12.91 8.97
N ASP A 471 -20.65 14.00 9.72
CA ASP A 471 -20.24 14.05 11.12
C ASP A 471 -21.08 13.11 11.99
N ILE A 472 -22.38 13.08 11.75
CA ILE A 472 -23.26 12.17 12.47
C ILE A 472 -22.87 10.73 12.21
N PHE A 473 -22.60 10.43 10.94
CA PHE A 473 -22.18 9.10 10.52
C PHE A 473 -20.90 8.65 11.26
N ILE A 474 -19.94 9.55 11.37
CA ILE A 474 -18.67 9.25 12.04
C ILE A 474 -18.82 9.19 13.55
N ASN A 475 -19.51 10.17 14.13
CA ASN A 475 -19.72 10.22 15.58
C ASN A 475 -20.42 8.97 16.11
N ASP A 476 -21.22 8.34 15.27
CA ASP A 476 -21.90 7.11 15.65
C ASP A 476 -20.96 5.92 15.56
N LEU A 477 -20.19 5.87 14.47
CA LEU A 477 -19.21 4.80 14.29
C LEU A 477 -18.20 4.75 15.43
N LYS A 478 -17.98 5.91 16.06
CA LYS A 478 -17.14 5.99 17.25
C LYS A 478 -17.92 5.52 18.47
N GLN A 479 -19.16 6.01 18.59
CA GLN A 479 -20.02 5.71 19.73
C GLN A 479 -20.28 4.21 19.87
N TYR A 480 -20.46 3.53 18.74
CA TYR A 480 -20.77 2.11 18.77
C TYR A 480 -19.55 1.25 18.45
N GLY A 481 -18.42 1.92 18.22
CA GLY A 481 -17.13 1.25 18.06
C GLY A 481 -16.96 0.43 16.81
N LEU A 482 -17.14 1.05 15.66
CA LEU A 482 -16.93 0.38 14.38
C LEU A 482 -15.81 1.04 13.59
N TYR A 483 -15.51 2.28 13.97
CA TYR A 483 -14.53 3.12 13.26
C TYR A 483 -13.20 2.41 13.07
N ASN A 484 -12.68 1.81 14.14
CA ASN A 484 -11.38 1.15 14.11
C ASN A 484 -11.35 -0.10 13.23
N GLN A 485 -12.52 -0.63 12.93
CA GLN A 485 -12.62 -1.84 12.12
C GLN A 485 -12.85 -1.50 10.65
N ILE A 486 -12.80 -0.21 10.34
CA ILE A 486 -13.04 0.27 8.98
C ILE A 486 -11.82 1.02 8.46
N SER A 487 -11.43 0.72 7.22
CA SER A 487 -10.30 1.40 6.61
C SER A 487 -10.59 2.88 6.36
N GLN A 488 -11.77 3.16 5.83
CA GLN A 488 -12.15 4.52 5.50
C GLN A 488 -13.67 4.63 5.42
N ALA A 489 -14.23 5.62 6.10
CA ALA A 489 -15.68 5.82 6.13
C ALA A 489 -16.07 7.29 5.99
N PHE A 490 -17.08 7.55 5.15
CA PHE A 490 -17.53 8.91 4.89
C PHE A 490 -18.94 8.93 4.29
N ALA A 491 -19.38 10.12 3.87
CA ALA A 491 -20.70 10.27 3.26
C ALA A 491 -20.62 11.04 1.95
N VAL A 492 -21.55 10.76 1.05
CA VAL A 492 -21.62 11.43 -0.24
C VAL A 492 -23.01 12.04 -0.42
N LEU A 493 -23.08 13.21 -1.04
CA LEU A 493 -24.36 13.86 -1.30
C LEU A 493 -24.72 13.81 -2.78
N LEU A 494 -25.93 13.35 -3.07
CA LEU A 494 -26.43 13.27 -4.44
C LEU A 494 -27.57 14.26 -4.66
N SER A 507 -32.59 25.09 -0.52
CA SER A 507 -33.02 24.19 0.55
C SER A 507 -33.75 22.98 -0.01
N TYR A 508 -33.24 22.42 -1.10
CA TYR A 508 -33.85 21.26 -1.74
C TYR A 508 -33.48 19.97 -1.01
N ASP A 509 -34.37 18.98 -1.06
CA ASP A 509 -34.12 17.69 -0.44
C ASP A 509 -33.17 16.86 -1.28
N TYR A 510 -32.08 16.42 -0.67
CA TYR A 510 -31.05 15.66 -1.38
C TYR A 510 -30.90 14.24 -0.86
N VAL A 511 -30.24 13.40 -1.65
CA VAL A 511 -30.02 12.00 -1.31
C VAL A 511 -28.58 11.78 -0.86
N CYS A 512 -28.40 11.04 0.23
CA CYS A 512 -27.07 10.77 0.76
C CYS A 512 -26.67 9.31 0.66
N VAL A 513 -25.39 9.08 0.37
CA VAL A 513 -24.84 7.74 0.32
C VAL A 513 -23.81 7.57 1.44
N LEU A 514 -23.86 6.44 2.13
CA LEU A 514 -22.90 6.16 3.20
C LEU A 514 -21.83 5.18 2.73
N ARG A 515 -20.58 5.59 2.81
CA ARG A 515 -19.47 4.75 2.37
C ARG A 515 -18.68 4.21 3.56
N ALA A 516 -18.36 2.92 3.51
CA ALA A 516 -17.57 2.27 4.55
C ALA A 516 -16.89 1.05 3.95
N VAL A 517 -15.56 1.09 3.87
CA VAL A 517 -14.83 0.05 3.17
C VAL A 517 -13.78 -0.66 4.03
N LYS A 518 -13.40 -1.84 3.59
CA LYS A 518 -12.29 -2.57 4.19
C LYS A 518 -11.19 -2.67 3.13
N THR A 519 -10.23 -1.75 3.19
CA THR A 519 -9.18 -1.68 2.19
C THR A 519 -8.10 -2.72 2.42
N SER A 520 -7.80 -3.48 1.38
CA SER A 520 -6.76 -4.49 1.42
C SER A 520 -5.53 -3.99 0.68
N SER A 521 -5.76 -3.42 -0.50
CA SER A 521 -4.71 -2.78 -1.28
C SER A 521 -5.21 -1.47 -1.84
N PHE A 522 -4.32 -0.63 -2.34
CA PHE A 522 -4.71 0.66 -2.88
C PHE A 522 -5.47 0.57 -4.20
N MET A 523 -5.70 -0.66 -4.66
CA MET A 523 -6.51 -0.87 -5.86
C MET A 523 -7.57 -1.96 -5.67
N THR A 524 -7.78 -2.38 -4.43
CA THR A 524 -8.83 -3.35 -4.12
C THR A 524 -9.37 -3.20 -2.69
N ALA A 525 -10.69 -3.30 -2.54
CA ALA A 525 -11.33 -3.15 -1.23
C ALA A 525 -12.75 -3.74 -1.22
N ASN A 526 -13.19 -4.16 -0.03
CA ASN A 526 -14.57 -4.61 0.16
C ASN A 526 -15.40 -3.49 0.76
N TRP A 527 -16.69 -3.74 0.97
CA TRP A 527 -17.50 -2.80 1.72
C TRP A 527 -17.80 -3.38 3.09
N TYR A 528 -17.65 -2.55 4.12
CA TYR A 528 -17.84 -3.01 5.49
C TYR A 528 -19.29 -3.35 5.76
N GLN A 529 -19.53 -4.45 6.47
CA GLN A 529 -20.87 -4.90 6.76
C GLN A 529 -21.31 -4.41 8.14
N ILE A 530 -21.86 -3.21 8.18
CA ILE A 530 -22.36 -2.62 9.42
C ILE A 530 -23.53 -3.43 9.96
N PRO A 531 -23.47 -3.81 11.25
CA PRO A 531 -24.60 -4.44 11.92
C PRO A 531 -25.84 -3.57 11.75
N TYR A 532 -26.96 -4.20 11.38
CA TYR A 532 -28.17 -3.48 11.04
C TYR A 532 -28.72 -2.63 12.18
N ASP A 533 -28.70 -3.18 13.39
CA ASP A 533 -29.19 -2.47 14.56
C ASP A 533 -28.49 -1.13 14.72
N ILE A 534 -27.17 -1.15 14.52
CA ILE A 534 -26.36 0.06 14.57
C ILE A 534 -26.60 0.93 13.34
N LEU A 535 -26.63 0.28 12.18
CA LEU A 535 -26.88 0.96 10.92
C LEU A 535 -28.24 1.65 10.89
N ASP A 536 -29.24 1.01 11.48
CA ASP A 536 -30.60 1.54 11.52
C ASP A 536 -30.67 2.84 12.33
N LYS A 537 -29.96 2.88 13.44
CA LYS A 537 -29.96 4.06 14.31
C LYS A 537 -29.42 5.30 13.61
N ILE A 538 -28.34 5.13 12.85
CA ILE A 538 -27.71 6.25 12.15
C ILE A 538 -28.66 6.85 11.12
N THR A 539 -29.19 5.99 10.25
CA THR A 539 -30.15 6.41 9.23
C THR A 539 -31.41 7.02 9.84
N THR A 540 -31.78 6.53 11.03
CA THR A 540 -32.92 7.07 11.76
C THR A 540 -32.60 8.47 12.31
N ARG A 541 -31.34 8.67 12.71
CA ARG A 541 -30.94 9.92 13.35
C ARG A 541 -30.52 10.99 12.34
N ILE A 542 -30.37 10.60 11.08
CA ILE A 542 -30.03 11.55 10.02
C ILE A 542 -31.26 12.15 9.36
N LEU A 543 -32.20 11.30 8.97
CA LEU A 543 -33.42 11.74 8.30
C LEU A 543 -34.34 12.51 9.24
N SER A 544 -34.10 12.37 10.53
CA SER A 544 -34.90 13.06 11.53
C SER A 544 -34.32 14.40 11.90
N GLU A 545 -33.00 14.44 12.13
CA GLU A 545 -32.33 15.64 12.62
C GLU A 545 -31.88 16.59 11.50
N VAL A 546 -31.26 16.04 10.47
CA VAL A 546 -30.75 16.86 9.37
C VAL A 546 -31.87 17.31 8.43
N LYS A 547 -31.93 18.61 8.18
CA LYS A 547 -32.93 19.19 7.28
C LYS A 547 -32.34 19.39 5.89
N GLY A 548 -32.95 18.76 4.90
CA GLY A 548 -32.48 18.87 3.52
C GLY A 548 -32.20 17.52 2.91
N VAL A 549 -32.51 16.46 3.64
CA VAL A 549 -32.34 15.10 3.16
C VAL A 549 -33.55 14.25 3.52
N ASN A 550 -33.98 13.42 2.58
CA ASN A 550 -35.14 12.55 2.79
C ASN A 550 -34.92 11.11 2.34
N ARG A 551 -33.66 10.78 2.02
CA ARG A 551 -33.33 9.43 1.60
C ARG A 551 -31.85 9.11 1.82
N ILE A 552 -31.60 7.94 2.42
CA ILE A 552 -30.24 7.50 2.70
C ILE A 552 -29.94 6.18 1.99
N LEU A 553 -28.82 6.14 1.26
CA LEU A 553 -28.38 4.93 0.59
C LEU A 553 -27.05 4.46 1.17
N TYR A 554 -26.79 3.17 1.07
CA TYR A 554 -25.51 2.62 1.52
C TYR A 554 -24.84 1.84 0.41
N ASP A 555 -23.62 2.23 0.07
CA ASP A 555 -22.88 1.62 -1.03
C ASP A 555 -22.51 0.17 -0.73
N VAL A 556 -22.92 -0.72 -1.63
CA VAL A 556 -22.64 -2.14 -1.48
C VAL A 556 -21.89 -2.66 -2.70
N SER A 557 -21.06 -1.81 -3.28
CA SER A 557 -20.23 -2.20 -4.42
C SER A 557 -18.74 -2.20 -4.05
N SER A 558 -18.05 -3.26 -4.47
CA SER A 558 -16.64 -3.42 -4.15
C SER A 558 -15.72 -2.87 -5.25
N LYS A 559 -14.44 -2.80 -4.92
CA LYS A 559 -13.42 -2.34 -5.85
C LYS A 559 -12.40 -3.46 -6.06
N PRO A 560 -12.24 -3.92 -7.32
CA PRO A 560 -12.95 -3.54 -8.55
C PRO A 560 -14.39 -4.09 -8.57
N PRO A 561 -15.23 -3.65 -9.51
CA PRO A 561 -14.98 -2.67 -10.59
C PRO A 561 -15.22 -1.23 -10.16
N ALA A 562 -15.80 -1.04 -8.98
CA ALA A 562 -16.09 0.31 -8.48
C ALA A 562 -14.85 0.95 -7.87
N THR A 563 -15.06 2.04 -7.15
CA THR A 563 -13.98 2.75 -6.43
C THR A 563 -14.48 3.17 -5.06
N ILE A 564 -13.57 3.68 -4.23
CA ILE A 564 -13.92 4.17 -2.91
C ILE A 564 -14.68 5.48 -3.03
N GLU A 565 -14.17 6.37 -3.87
CA GLU A 565 -14.77 7.68 -4.06
C GLU A 565 -15.66 7.68 -5.30
N PHE A 566 -16.82 8.33 -5.18
CA PHE A 566 -17.76 8.46 -6.29
C PHE A 566 -17.17 9.11 -7.53
N GLU A 567 -16.87 10.40 -7.45
CA GLU A 567 -16.32 11.14 -8.59
C GLU A 567 -14.86 10.81 -8.81
N GLN B . 7.66 -15.24 -20.68
CA GLN B . 8.38 -16.15 -19.80
C GLN B . 7.42 -17.01 -18.98
O GLN B . 7.70 -17.40 -17.85
CB GLN B . 9.31 -15.38 -18.85
CG GLN B . 8.61 -14.36 -17.99
CD GLN B . 9.36 -14.08 -16.70
OE1 GLN B . 9.85 -15.01 -16.04
NE2 GLN B . 9.47 -12.81 -16.33
OXT GLN B . 6.33 -17.32 -19.44
#